data_4E7W
#
_entry.id   4E7W
#
_cell.length_a   151.420
_cell.length_b   151.420
_cell.length_c   67.430
_cell.angle_alpha   90.000
_cell.angle_beta   90.000
_cell.angle_gamma   120.000
#
_symmetry.space_group_name_H-M   'P 3 2 1'
#
_entity_poly.entity_id   1
_entity_poly.type   'polypeptide(L)'
_entity_poly.pdbx_seq_one_letter_code
;GSFTMSNAPLNGVKLNPLDDPNKVIKVLASDGKTGEQREIAYTNCKVIGNGSFGVVFQAKLVESDEVAIKKVLQDKRFKN
RELQIMRIVKHPNVVDLKAFFYSNGDKKDEVFLNLVLEYVPETVYRASRHYAKLKQTMPMLLIKLYMYQLLRSLAYIHSI
GICHRDIKPQNLLLDPPSGVLKLIDFGSAKILIAGEPNVS(PTR)ICSRYYRAPELIFGATNYTTNIDIWSTGCVMAELM
QGQPLFPGESGIDQLVEIIKVLGTPSREQIKTMNPNYMEHKFPQIRPHPFSKVFRPRTPPDAIDLISRLLEYTPSARLTA
IEALCHPFFDELRTGEARMPNGRELPPLFNWTKEELSVRPDLISRLVPQHAEAELLSRGIDVHNFQPIPLESLKVTLD
;
_entity_poly.pdbx_strand_id   A
#
# COMPACT_ATOMS: atom_id res chain seq x y z
N ASP A 20 -2.17 20.99 -26.75
CA ASP A 20 -3.33 21.50 -27.57
C ASP A 20 -3.25 21.09 -29.07
N PRO A 21 -4.37 21.22 -29.82
CA PRO A 21 -5.69 21.73 -29.35
C PRO A 21 -6.50 20.69 -28.56
N ASN A 22 -7.74 21.04 -28.25
CA ASN A 22 -8.72 20.08 -27.75
C ASN A 22 -9.06 19.14 -28.92
N LYS A 23 -8.57 17.90 -28.85
CA LYS A 23 -8.76 16.92 -29.92
C LYS A 23 -8.77 15.48 -29.42
N VAL A 24 -9.64 14.69 -30.02
CA VAL A 24 -9.75 13.28 -29.68
C VAL A 24 -8.67 12.49 -30.42
N ILE A 25 -8.00 11.60 -29.70
CA ILE A 25 -7.05 10.67 -30.32
C ILE A 25 -7.40 9.22 -30.03
N LYS A 26 -7.53 8.44 -31.09
CA LYS A 26 -7.89 7.04 -31.01
C LYS A 26 -6.65 6.16 -31.16
N VAL A 27 -6.66 4.99 -30.52
CA VAL A 27 -5.59 4.02 -30.64
C VAL A 27 -6.07 2.61 -30.23
N LEU A 28 -5.56 1.59 -30.91
CA LEU A 28 -5.85 0.20 -30.53
C LEU A 28 -5.09 -0.18 -29.28
N ALA A 29 -5.80 -0.69 -28.29
CA ALA A 29 -5.20 -1.05 -27.01
C ALA A 29 -5.57 -2.48 -26.61
N SER A 30 -5.18 -2.86 -25.39
CA SER A 30 -5.54 -4.15 -24.84
C SER A 30 -6.11 -3.95 -23.44
N ASP A 31 -7.22 -4.62 -23.17
CA ASP A 31 -7.89 -4.57 -21.87
C ASP A 31 -6.94 -5.07 -20.77
N GLY A 32 -7.00 -4.41 -19.62
CA GLY A 32 -6.16 -4.77 -18.48
C GLY A 32 -6.46 -6.15 -17.92
N LYS A 33 -7.74 -6.50 -17.92
CA LYS A 33 -8.20 -7.79 -17.40
C LYS A 33 -7.92 -8.96 -18.37
N THR A 34 -8.25 -8.78 -19.65
CA THR A 34 -7.94 -9.77 -20.69
C THR A 34 -7.20 -9.14 -21.87
N GLY A 35 -6.21 -9.86 -22.41
CA GLY A 35 -5.36 -9.33 -23.49
C GLY A 35 -6.05 -8.95 -24.80
N GLU A 36 -7.38 -9.08 -24.81
CA GLU A 36 -8.20 -8.82 -26.01
C GLU A 36 -8.15 -7.39 -26.48
N GLN A 37 -8.16 -7.21 -27.80
CA GLN A 37 -7.99 -5.89 -28.39
C GLN A 37 -9.29 -5.11 -28.52
N ARG A 38 -9.30 -3.90 -27.98
CA ARG A 38 -10.42 -2.97 -28.11
C ARG A 38 -9.91 -1.56 -28.28
N GLU A 39 -10.50 -0.82 -29.21
CA GLU A 39 -10.14 0.58 -29.40
C GLU A 39 -10.57 1.41 -28.20
N ILE A 40 -9.72 2.35 -27.81
CA ILE A 40 -10.06 3.34 -26.80
C ILE A 40 -9.74 4.73 -27.34
N ALA A 41 -10.39 5.74 -26.80
CA ALA A 41 -10.11 7.12 -27.20
C ALA A 41 -10.13 8.03 -25.99
N TYR A 42 -9.31 9.06 -26.06
CA TYR A 42 -9.14 10.01 -24.96
C TYR A 42 -8.74 11.38 -25.47
N THR A 43 -8.88 12.38 -24.62
CA THR A 43 -8.55 13.75 -24.99
C THR A 43 -8.09 14.51 -23.75
N ASN A 44 -7.82 15.82 -23.91
CA ASN A 44 -7.54 16.73 -22.78
C ASN A 44 -6.43 16.28 -21.84
N CYS A 45 -5.31 15.83 -22.39
CA CYS A 45 -4.22 15.33 -21.55
C CYS A 45 -3.10 16.31 -21.34
N LYS A 46 -2.64 16.39 -20.10
CA LYS A 46 -1.43 17.13 -19.76
C LYS A 46 -0.70 16.39 -18.63
N VAL A 47 0.53 16.78 -18.35
CA VAL A 47 1.38 16.08 -17.38
C VAL A 47 0.97 16.37 -15.94
N ILE A 48 0.93 15.33 -15.10
CA ILE A 48 0.76 15.50 -13.66
C ILE A 48 2.12 15.54 -12.95
N GLY A 49 3.01 14.64 -13.36
CA GLY A 49 4.33 14.50 -12.75
C GLY A 49 5.35 13.91 -13.69
N ASN A 50 6.62 14.26 -13.46
CA ASN A 50 7.71 13.80 -14.32
C ASN A 50 8.84 13.13 -13.55
N GLY A 51 8.97 11.82 -13.75
CA GLY A 51 10.11 11.05 -13.26
C GLY A 51 11.03 10.72 -14.43
N SER A 52 12.18 10.11 -14.12
CA SER A 52 13.09 9.65 -15.17
C SER A 52 12.64 8.31 -15.76
N PHE A 53 11.72 7.64 -15.07
CA PHE A 53 11.27 6.32 -15.47
C PHE A 53 9.76 6.28 -15.70
N GLY A 54 9.27 7.35 -16.32
CA GLY A 54 7.85 7.46 -16.65
C GLY A 54 7.32 8.87 -16.52
N VAL A 55 6.62 9.29 -17.58
CA VAL A 55 5.84 10.52 -17.59
C VAL A 55 4.39 10.14 -17.33
N VAL A 56 3.71 10.90 -16.48
CA VAL A 56 2.32 10.61 -16.15
C VAL A 56 1.38 11.68 -16.70
N PHE A 57 0.50 11.26 -17.59
CA PHE A 57 -0.49 12.13 -18.20
C PHE A 57 -1.82 12.04 -17.48
N GLN A 58 -2.50 13.18 -17.34
CA GLN A 58 -3.87 13.22 -16.90
C GLN A 58 -4.72 13.50 -18.12
N ALA A 59 -5.50 12.50 -18.51
CA ALA A 59 -6.37 12.60 -19.66
C ALA A 59 -7.79 12.22 -19.28
N LYS A 60 -8.71 12.38 -20.24
CA LYS A 60 -10.11 12.05 -20.06
C LYS A 60 -10.50 11.00 -21.09
N LEU A 61 -10.92 9.84 -20.60
CA LEU A 61 -11.36 8.73 -21.45
C LEU A 61 -12.75 9.03 -22.02
N VAL A 62 -12.92 8.80 -23.33
CA VAL A 62 -14.12 9.19 -24.08
C VAL A 62 -15.40 8.49 -23.58
N GLU A 63 -16.08 9.17 -22.64
CA GLU A 63 -17.25 8.69 -21.88
C GLU A 63 -17.50 9.60 -20.69
N SER A 64 -16.52 10.48 -20.46
CA SER A 64 -16.35 11.26 -19.23
C SER A 64 -15.99 10.36 -18.06
N ASP A 65 -14.80 9.77 -18.17
CA ASP A 65 -14.08 9.14 -17.07
C ASP A 65 -12.63 9.65 -17.11
N GLU A 66 -12.21 10.32 -16.04
CA GLU A 66 -10.87 10.88 -15.96
C GLU A 66 -9.86 9.76 -15.68
N VAL A 67 -8.68 9.85 -16.30
CA VAL A 67 -7.64 8.82 -16.12
C VAL A 67 -6.22 9.37 -15.88
N ALA A 68 -5.31 8.43 -15.63
CA ALA A 68 -3.87 8.67 -15.68
C ALA A 68 -3.27 7.73 -16.71
N ILE A 69 -2.44 8.26 -17.60
CA ILE A 69 -1.67 7.41 -18.50
C ILE A 69 -0.18 7.52 -18.16
N LYS A 70 0.45 6.38 -17.86
CA LYS A 70 1.88 6.34 -17.59
C LYS A 70 2.64 5.84 -18.82
N LYS A 71 3.46 6.73 -19.38
CA LYS A 71 4.26 6.43 -20.56
C LYS A 71 5.71 6.14 -20.15
N VAL A 72 6.14 4.89 -20.29
CA VAL A 72 7.52 4.51 -19.96
C VAL A 72 8.26 3.98 -21.20
N LEU A 73 9.58 4.09 -21.20
CA LEU A 73 10.40 3.49 -22.25
C LEU A 73 10.46 1.99 -21.98
N GLN A 74 10.29 1.17 -23.01
CA GLN A 74 10.35 -0.30 -22.81
C GLN A 74 11.14 -1.05 -23.84
N ASP A 75 12.18 -1.76 -23.37
CA ASP A 75 13.04 -2.59 -24.19
C ASP A 75 12.24 -3.80 -24.68
N LYS A 76 11.91 -3.82 -25.97
CA LYS A 76 11.03 -4.86 -26.53
C LYS A 76 11.62 -6.28 -26.47
N ARG A 77 12.84 -6.37 -25.95
CA ARG A 77 13.59 -7.63 -25.79
C ARG A 77 13.31 -8.31 -24.44
N PHE A 78 12.61 -7.61 -23.55
CA PHE A 78 12.04 -8.24 -22.35
C PHE A 78 10.84 -7.57 -21.66
N LYS A 79 10.21 -8.35 -20.78
CA LYS A 79 9.02 -7.99 -20.01
C LYS A 79 9.15 -6.72 -19.18
N ASN A 80 8.01 -6.13 -18.84
CA ASN A 80 7.96 -4.96 -17.98
C ASN A 80 7.64 -5.35 -16.54
N ARG A 81 8.56 -5.02 -15.63
CA ARG A 81 8.37 -5.24 -14.18
C ARG A 81 6.94 -4.88 -13.81
N GLU A 82 6.55 -3.65 -14.12
CA GLU A 82 5.26 -3.10 -13.72
C GLU A 82 4.08 -3.78 -14.39
N LEU A 83 4.10 -3.85 -15.72
CA LEU A 83 2.98 -4.42 -16.47
C LEU A 83 2.54 -5.79 -15.96
N GLN A 84 3.50 -6.72 -15.85
CA GLN A 84 3.22 -8.10 -15.43
C GLN A 84 2.44 -8.18 -14.13
N ILE A 85 2.62 -7.18 -13.28
CA ILE A 85 1.94 -7.11 -12.00
C ILE A 85 0.54 -6.56 -12.19
N MET A 86 0.43 -5.37 -12.79
CA MET A 86 -0.87 -4.78 -13.11
C MET A 86 -1.82 -5.78 -13.78
N ARG A 87 -1.27 -6.55 -14.73
CA ARG A 87 -1.98 -7.62 -15.43
C ARG A 87 -2.54 -8.71 -14.50
N ILE A 88 -1.78 -9.08 -13.47
CA ILE A 88 -2.15 -10.18 -12.59
C ILE A 88 -2.75 -9.68 -11.27
N VAL A 89 -3.27 -8.46 -11.27
CA VAL A 89 -3.72 -7.87 -10.03
C VAL A 89 -5.09 -7.18 -10.21
N LYS A 90 -6.10 -7.77 -9.58
CA LYS A 90 -7.45 -7.20 -9.52
C LYS A 90 -7.95 -7.34 -8.10
N HIS A 91 -8.50 -6.24 -7.55
CA HIS A 91 -8.96 -6.18 -6.17
C HIS A 91 -9.59 -4.82 -5.93
N PRO A 92 -10.66 -4.77 -5.11
CA PRO A 92 -11.34 -3.50 -4.78
C PRO A 92 -10.43 -2.44 -4.18
N ASN A 93 -9.31 -2.88 -3.59
CA ASN A 93 -8.42 -1.98 -2.90
C ASN A 93 -7.03 -1.71 -3.54
N VAL A 94 -6.73 -2.35 -4.67
CA VAL A 94 -5.58 -1.93 -5.49
C VAL A 94 -6.06 -0.97 -6.58
N VAL A 95 -5.16 -0.43 -7.39
CA VAL A 95 -5.63 0.38 -8.52
C VAL A 95 -6.03 -0.50 -9.68
N ASP A 96 -6.52 0.14 -10.73
CA ASP A 96 -7.07 -0.59 -11.86
C ASP A 96 -6.35 -0.26 -13.16
N LEU A 97 -5.80 -1.29 -13.79
CA LEU A 97 -5.28 -1.13 -15.14
C LEU A 97 -6.46 -1.28 -16.07
N LYS A 98 -6.88 -0.17 -16.68
CA LYS A 98 -7.96 -0.20 -17.67
C LYS A 98 -7.45 -0.84 -18.94
N ALA A 99 -6.68 -0.07 -19.71
CA ALA A 99 -6.03 -0.57 -20.90
C ALA A 99 -4.52 -0.32 -20.86
N PHE A 100 -3.78 -1.06 -21.69
CA PHE A 100 -2.39 -0.73 -21.97
C PHE A 100 -2.18 -0.75 -23.49
N PHE A 101 -1.32 0.14 -23.98
CA PHE A 101 -1.04 0.20 -25.41
C PHE A 101 0.39 0.63 -25.73
N TYR A 102 0.91 0.12 -26.84
CA TYR A 102 2.28 0.41 -27.24
C TYR A 102 2.37 1.56 -28.22
N SER A 103 3.08 2.60 -27.80
CA SER A 103 3.33 3.79 -28.62
C SER A 103 4.72 3.73 -29.22
N ASN A 104 4.79 3.91 -30.53
CA ASN A 104 6.06 3.92 -31.23
C ASN A 104 6.86 5.20 -30.99
N GLY A 105 8.16 5.03 -30.73
CA GLY A 105 9.07 6.15 -30.44
C GLY A 105 9.28 7.08 -31.62
N ASP A 106 9.83 6.52 -32.72
CA ASP A 106 9.97 7.24 -34.00
C ASP A 106 9.69 6.30 -35.20
N LYS A 107 10.53 5.26 -35.33
CA LYS A 107 10.31 4.19 -36.32
C LYS A 107 10.57 2.81 -35.69
N LYS A 108 11.85 2.53 -35.40
CA LYS A 108 12.26 1.29 -34.73
C LYS A 108 13.20 1.59 -33.55
N ASP A 109 13.86 2.74 -33.62
CA ASP A 109 14.83 3.21 -32.61
C ASP A 109 14.42 2.97 -31.15
N GLU A 110 13.17 3.26 -30.79
CA GLU A 110 12.64 2.92 -29.46
C GLU A 110 11.14 2.56 -29.46
N VAL A 111 10.66 2.03 -28.34
CA VAL A 111 9.22 1.78 -28.15
C VAL A 111 8.75 2.14 -26.73
N PHE A 112 7.58 2.77 -26.64
CA PHE A 112 7.00 3.18 -25.37
C PHE A 112 5.82 2.30 -24.96
N LEU A 113 5.65 2.10 -23.66
CA LEU A 113 4.49 1.40 -23.14
C LEU A 113 3.63 2.36 -22.32
N ASN A 114 2.36 2.46 -22.69
CA ASN A 114 1.43 3.33 -22.00
C ASN A 114 0.46 2.54 -21.14
N LEU A 115 0.37 2.89 -19.86
CA LEU A 115 -0.58 2.28 -18.96
C LEU A 115 -1.72 3.23 -18.68
N VAL A 116 -2.96 2.76 -18.85
CA VAL A 116 -4.14 3.57 -18.54
C VAL A 116 -4.69 3.13 -17.20
N LEU A 117 -4.66 4.06 -16.24
CA LEU A 117 -4.97 3.74 -14.86
C LEU A 117 -6.05 4.69 -14.33
N GLU A 118 -6.94 4.17 -13.50
CA GLU A 118 -8.03 4.99 -12.91
C GLU A 118 -7.47 6.22 -12.21
N TYR A 119 -8.13 7.35 -12.36
CA TYR A 119 -7.58 8.62 -11.86
C TYR A 119 -7.57 8.68 -10.35
N VAL A 120 -6.76 9.61 -9.83
CA VAL A 120 -6.58 9.76 -8.39
C VAL A 120 -7.32 11.00 -7.91
N PRO A 121 -8.49 10.81 -7.26
CA PRO A 121 -9.21 11.94 -6.69
C PRO A 121 -8.35 12.66 -5.65
N GLU A 122 -7.84 11.89 -4.70
CA GLU A 122 -6.96 12.40 -3.65
C GLU A 122 -6.09 11.30 -3.07
N THR A 123 -5.30 11.66 -2.06
CA THR A 123 -4.40 10.74 -1.38
C THR A 123 -4.51 10.96 0.12
N VAL A 124 -4.32 9.88 0.89
CA VAL A 124 -4.27 9.95 2.35
C VAL A 124 -3.39 11.09 2.85
N TYR A 125 -2.31 11.35 2.12
CA TYR A 125 -1.41 12.43 2.48
C TYR A 125 -2.09 13.79 2.46
N ARG A 126 -2.63 14.16 1.29
CA ARG A 126 -3.32 15.44 1.14
C ARG A 126 -4.57 15.52 2.02
N ALA A 127 -5.20 14.38 2.25
CA ALA A 127 -6.27 14.29 3.24
C ALA A 127 -5.73 14.76 4.58
N SER A 128 -4.63 14.16 5.01
CA SER A 128 -4.00 14.48 6.30
C SER A 128 -3.55 15.94 6.39
N ARG A 129 -3.00 16.47 5.30
CA ARG A 129 -2.59 17.87 5.21
C ARG A 129 -3.78 18.81 5.44
N HIS A 130 -4.92 18.44 4.85
CA HIS A 130 -6.17 19.17 5.04
C HIS A 130 -6.51 19.38 6.52
N TYR A 131 -6.49 18.30 7.29
CA TYR A 131 -6.78 18.34 8.73
C TYR A 131 -5.73 19.13 9.53
N ALA A 132 -4.50 19.14 9.03
CA ALA A 132 -3.41 19.86 9.69
C ALA A 132 -3.55 21.37 9.55
N LYS A 133 -4.29 21.82 8.53
CA LYS A 133 -4.65 23.24 8.39
C LYS A 133 -5.69 23.62 9.44
N LEU A 134 -6.67 22.73 9.62
CA LEU A 134 -7.75 22.91 10.59
C LEU A 134 -7.32 22.56 12.02
N LYS A 135 -6.03 22.27 12.18
CA LYS A 135 -5.38 22.05 13.48
C LYS A 135 -5.95 20.89 14.31
N GLN A 136 -6.90 20.17 13.72
CA GLN A 136 -7.48 18.96 14.31
C GLN A 136 -6.89 17.72 13.62
N THR A 137 -6.65 16.67 14.38
CA THR A 137 -6.17 15.41 13.80
C THR A 137 -7.36 14.69 13.13
N MET A 138 -7.07 13.85 12.13
CA MET A 138 -8.15 13.21 11.35
C MET A 138 -8.95 12.17 12.14
N PRO A 139 -10.27 12.09 11.90
CA PRO A 139 -11.18 11.28 12.72
C PRO A 139 -10.71 9.85 12.92
N MET A 140 -10.81 9.38 14.16
CA MET A 140 -10.34 8.05 14.54
C MET A 140 -10.97 6.90 13.72
N LEU A 141 -12.27 6.97 13.49
CA LEU A 141 -12.96 5.96 12.68
C LEU A 141 -12.40 5.91 11.26
N LEU A 142 -12.23 7.08 10.64
CA LEU A 142 -11.65 7.15 9.30
C LEU A 142 -10.31 6.45 9.22
N ILE A 143 -9.50 6.56 10.27
CA ILE A 143 -8.24 5.84 10.34
C ILE A 143 -8.48 4.35 10.22
N LYS A 144 -9.36 3.79 11.07
CA LYS A 144 -9.75 2.36 11.00
C LYS A 144 -10.11 1.93 9.57
N LEU A 145 -11.00 2.71 8.95
CA LEU A 145 -11.52 2.39 7.63
C LEU A 145 -10.41 2.37 6.58
N TYR A 146 -9.55 3.38 6.61
CA TYR A 146 -8.45 3.48 5.65
C TYR A 146 -7.42 2.40 5.87
N MET A 147 -6.99 2.22 7.12
CA MET A 147 -5.99 1.22 7.44
C MET A 147 -6.51 -0.19 7.22
N TYR A 148 -7.82 -0.39 7.39
CA TYR A 148 -8.43 -1.71 7.13
C TYR A 148 -8.26 -2.07 5.67
N GLN A 149 -8.60 -1.14 4.80
CA GLN A 149 -8.56 -1.37 3.36
C GLN A 149 -7.13 -1.64 2.90
N LEU A 150 -6.17 -0.91 3.44
CA LEU A 150 -4.76 -1.08 3.09
C LEU A 150 -4.26 -2.47 3.43
N LEU A 151 -4.52 -2.89 4.66
CA LEU A 151 -4.08 -4.19 5.15
C LEU A 151 -4.65 -5.33 4.33
N ARG A 152 -5.94 -5.22 3.97
CA ARG A 152 -6.60 -6.19 3.10
C ARG A 152 -5.91 -6.20 1.74
N SER A 153 -5.61 -4.99 1.25
CA SER A 153 -4.94 -4.82 -0.03
C SER A 153 -3.60 -5.53 -0.02
N LEU A 154 -2.84 -5.33 1.05
CA LEU A 154 -1.60 -6.08 1.27
C LEU A 154 -1.85 -7.58 1.33
N ALA A 155 -2.68 -8.01 2.27
CA ALA A 155 -3.04 -9.42 2.43
C ALA A 155 -3.24 -10.10 1.09
N TYR A 156 -3.80 -9.35 0.14
CA TYR A 156 -4.03 -9.86 -1.18
C TYR A 156 -2.74 -10.00 -1.99
N ILE A 157 -2.14 -8.86 -2.37
CA ILE A 157 -0.93 -8.89 -3.20
C ILE A 157 0.16 -9.78 -2.62
N HIS A 158 0.29 -9.81 -1.28
CA HIS A 158 1.26 -10.66 -0.60
C HIS A 158 0.97 -12.13 -0.89
N SER A 159 -0.29 -12.52 -0.78
CA SER A 159 -0.72 -13.89 -1.06
C SER A 159 -0.34 -14.32 -2.47
N ILE A 160 -0.28 -13.35 -3.38
CA ILE A 160 0.13 -13.61 -4.77
C ILE A 160 1.65 -13.29 -4.97
N GLY A 161 2.36 -13.16 -3.85
CA GLY A 161 3.83 -12.99 -3.82
C GLY A 161 4.43 -11.61 -4.10
N ILE A 162 3.60 -10.57 -4.12
CA ILE A 162 4.04 -9.22 -4.53
C ILE A 162 4.35 -8.31 -3.35
N CYS A 163 5.56 -7.76 -3.34
CA CYS A 163 5.93 -6.76 -2.35
C CYS A 163 5.87 -5.37 -2.98
N HIS A 164 5.17 -4.46 -2.32
CA HIS A 164 4.97 -3.13 -2.87
C HIS A 164 6.24 -2.28 -2.83
N ARG A 165 6.94 -2.34 -1.69
CA ARG A 165 8.21 -1.62 -1.46
C ARG A 165 8.07 -0.09 -1.48
N ASP A 166 6.87 0.44 -1.20
CA ASP A 166 6.68 1.90 -1.17
C ASP A 166 5.42 2.38 -0.43
N ILE A 167 4.92 1.56 0.49
CA ILE A 167 3.73 1.90 1.27
C ILE A 167 3.95 3.20 2.04
N LYS A 168 3.31 4.27 1.57
CA LYS A 168 3.37 5.56 2.25
C LYS A 168 2.20 6.47 1.86
N PRO A 169 1.83 7.42 2.74
CA PRO A 169 0.62 8.23 2.55
C PRO A 169 0.37 8.64 1.11
N GLN A 170 1.39 9.17 0.44
CA GLN A 170 1.27 9.66 -0.94
C GLN A 170 0.79 8.59 -1.93
N ASN A 171 1.03 7.32 -1.60
CA ASN A 171 0.63 6.22 -2.47
C ASN A 171 -0.60 5.51 -1.96
N LEU A 172 -1.53 6.26 -1.36
CA LEU A 172 -2.81 5.69 -0.95
C LEU A 172 -3.94 6.50 -1.56
N LEU A 173 -4.56 5.96 -2.61
CA LEU A 173 -5.67 6.64 -3.30
C LEU A 173 -6.86 6.75 -2.36
N LEU A 174 -7.47 7.93 -2.35
CA LEU A 174 -8.60 8.19 -1.46
C LEU A 174 -9.79 8.77 -2.22
N ASP A 175 -10.98 8.52 -1.70
CA ASP A 175 -12.20 9.11 -2.27
C ASP A 175 -13.11 9.67 -1.18
N PRO A 176 -12.88 10.93 -0.79
CA PRO A 176 -13.55 11.61 0.35
C PRO A 176 -15.06 11.31 0.54
N PRO A 177 -15.89 11.36 -0.55
CA PRO A 177 -17.28 10.97 -0.35
C PRO A 177 -17.45 9.49 0.04
N SER A 178 -17.02 8.58 -0.83
CA SER A 178 -17.22 7.13 -0.66
C SER A 178 -16.38 6.51 0.45
N GLY A 179 -15.23 7.13 0.76
CA GLY A 179 -14.31 6.65 1.79
C GLY A 179 -13.57 5.36 1.45
N VAL A 180 -13.38 5.09 0.16
CA VAL A 180 -12.61 3.91 -0.25
C VAL A 180 -11.12 4.24 -0.27
N LEU A 181 -10.30 3.21 -0.06
CA LEU A 181 -8.85 3.32 -0.21
C LEU A 181 -8.38 2.37 -1.30
N LYS A 182 -7.42 2.82 -2.10
CA LYS A 182 -6.81 1.97 -3.10
C LYS A 182 -5.30 2.13 -3.03
N LEU A 183 -4.59 1.01 -3.02
CA LEU A 183 -3.13 1.03 -3.07
C LEU A 183 -2.67 1.46 -4.46
N ILE A 184 -1.79 2.44 -4.51
CA ILE A 184 -1.38 3.02 -5.79
C ILE A 184 0.16 3.03 -5.97
N ASP A 185 0.59 3.02 -7.23
CA ASP A 185 2.00 3.12 -7.63
C ASP A 185 2.80 1.84 -7.43
N PHE A 186 2.72 0.96 -8.41
CA PHE A 186 3.42 -0.32 -8.37
C PHE A 186 4.77 -0.20 -9.09
N GLY A 187 5.21 1.05 -9.27
CA GLY A 187 6.43 1.36 -10.01
C GLY A 187 7.70 0.79 -9.41
N SER A 188 7.74 0.72 -8.08
CA SER A 188 8.88 0.15 -7.36
C SER A 188 8.53 -1.19 -6.71
N ALA A 189 7.43 -1.79 -7.17
CA ALA A 189 7.01 -3.10 -6.65
C ALA A 189 7.74 -4.23 -7.35
N LYS A 190 7.98 -5.31 -6.60
CA LYS A 190 8.68 -6.48 -7.09
C LYS A 190 8.14 -7.75 -6.46
N ILE A 191 7.97 -8.78 -7.28
CA ILE A 191 7.54 -10.08 -6.79
C ILE A 191 8.78 -10.83 -6.26
N LEU A 192 8.75 -11.17 -4.97
CA LEU A 192 9.94 -11.65 -4.27
C LEU A 192 10.16 -13.16 -4.39
N ILE A 193 11.00 -13.58 -5.34
CA ILE A 193 11.36 -15.00 -5.46
C ILE A 193 12.42 -15.37 -4.42
N ALA A 194 12.13 -16.40 -3.62
CA ALA A 194 13.03 -16.84 -2.54
C ALA A 194 14.48 -17.02 -2.99
N GLY A 195 15.42 -16.49 -2.19
CA GLY A 195 16.85 -16.64 -2.45
C GLY A 195 17.45 -15.68 -3.49
N GLU A 196 16.68 -14.70 -3.92
CA GLU A 196 17.17 -13.67 -4.82
C GLU A 196 17.50 -12.44 -3.99
N PRO A 197 18.68 -11.84 -4.20
CA PRO A 197 19.00 -10.58 -3.53
C PRO A 197 18.21 -9.40 -4.11
N ASN A 198 17.80 -8.47 -3.26
CA ASN A 198 17.10 -7.27 -3.72
C ASN A 198 17.66 -6.00 -3.09
N VAL A 199 17.65 -4.91 -3.85
CA VAL A 199 18.12 -3.60 -3.39
C VAL A 199 17.66 -3.26 -1.97
N SER A 200 18.60 -2.81 -1.14
CA SER A 200 18.32 -2.43 0.24
C SER A 200 17.78 -1.02 0.33
N PTR A 201 18.33 -0.12 -0.46
CA PTR A 201 17.89 1.27 -0.46
C PTR A 201 16.56 1.39 -1.20
O PTR A 201 16.52 1.68 -2.40
CB PTR A 201 18.95 2.22 -1.04
CG PTR A 201 18.79 3.67 -0.62
CD1 PTR A 201 18.81 4.03 0.73
CD2 PTR A 201 18.61 4.68 -1.57
CE1 PTR A 201 18.66 5.37 1.11
CE2 PTR A 201 18.46 6.00 -1.20
CZ PTR A 201 18.48 6.34 0.14
OH PTR A 201 18.36 7.53 0.46
P PTR A 201 17.18 8.14 1.39
O1P PTR A 201 17.13 7.39 2.68
O2P PTR A 201 15.82 8.03 0.66
O3P PTR A 201 17.45 9.62 1.69
N ILE A 202 15.47 1.15 -0.47
CA ILE A 202 14.12 1.08 -1.01
C ILE A 202 13.12 1.65 0.01
N CYS A 203 11.94 2.05 -0.46
CA CYS A 203 10.92 2.76 0.35
C CYS A 203 11.31 4.19 0.61
N SER A 204 10.33 5.03 0.87
CA SER A 204 10.62 6.38 1.36
C SER A 204 11.19 6.27 2.76
N ARG A 205 12.13 7.17 3.08
CA ARG A 205 13.00 7.00 4.25
C ARG A 205 12.28 6.72 5.55
N TYR A 206 11.27 7.54 5.85
CA TYR A 206 10.54 7.45 7.10
C TYR A 206 9.96 6.05 7.32
N TYR A 207 9.47 5.46 6.23
CA TYR A 207 8.74 4.19 6.27
C TYR A 207 9.64 3.02 5.89
N ARG A 208 10.93 3.27 5.76
CA ARG A 208 11.89 2.21 5.50
C ARG A 208 12.02 1.33 6.74
N ALA A 209 11.88 0.02 6.54
CA ALA A 209 11.97 -0.95 7.61
C ALA A 209 13.41 -0.98 8.13
N PRO A 210 13.60 -1.32 9.43
CA PRO A 210 14.92 -1.32 10.03
C PRO A 210 15.89 -2.31 9.37
N GLU A 211 15.42 -3.50 8.99
CA GLU A 211 16.30 -4.45 8.31
C GLU A 211 16.83 -3.89 7.00
N LEU A 212 16.10 -2.95 6.41
CA LEU A 212 16.56 -2.29 5.19
C LEU A 212 17.69 -1.32 5.50
N ILE A 213 17.60 -0.66 6.65
CA ILE A 213 18.66 0.25 7.09
C ILE A 213 19.91 -0.55 7.49
N PHE A 214 19.71 -1.81 7.89
CA PHE A 214 20.82 -2.73 8.13
C PHE A 214 21.34 -3.37 6.84
N GLY A 215 20.77 -2.95 5.71
CA GLY A 215 21.22 -3.42 4.40
C GLY A 215 20.93 -4.87 4.03
N ALA A 216 19.93 -5.48 4.67
CA ALA A 216 19.52 -6.84 4.30
C ALA A 216 19.04 -6.87 2.84
N THR A 217 19.30 -7.96 2.15
CA THR A 217 18.92 -8.08 0.74
C THR A 217 18.02 -9.30 0.54
N ASN A 218 17.72 -9.97 1.65
CA ASN A 218 16.93 -11.19 1.63
C ASN A 218 15.58 -11.02 2.34
N TYR A 219 15.13 -9.76 2.41
CA TYR A 219 13.91 -9.39 3.12
C TYR A 219 12.65 -9.93 2.45
N THR A 220 11.55 -9.95 3.20
CA THR A 220 10.25 -10.40 2.68
C THR A 220 9.18 -9.29 2.70
N THR A 221 7.97 -9.64 2.27
CA THR A 221 6.82 -8.70 2.23
C THR A 221 6.55 -8.03 3.58
N ASN A 222 7.00 -8.65 4.67
CA ASN A 222 6.92 -8.07 6.00
C ASN A 222 7.34 -6.61 6.11
N ILE A 223 8.13 -6.13 5.14
CA ILE A 223 8.58 -4.73 5.11
C ILE A 223 7.42 -3.78 4.81
N ASP A 224 6.49 -4.22 3.96
CA ASP A 224 5.30 -3.45 3.64
C ASP A 224 4.47 -3.26 4.91
N ILE A 225 4.47 -4.29 5.75
CA ILE A 225 3.81 -4.23 7.06
C ILE A 225 4.43 -3.15 7.94
N TRP A 226 5.76 -3.14 8.03
CA TRP A 226 6.45 -2.11 8.81
C TRP A 226 5.98 -0.72 8.38
N SER A 227 6.00 -0.48 7.07
CA SER A 227 5.60 0.80 6.50
C SER A 227 4.20 1.22 6.94
N THR A 228 3.23 0.30 6.87
CA THR A 228 1.84 0.63 7.20
C THR A 228 1.72 1.05 8.67
N GLY A 229 2.55 0.46 9.52
CA GLY A 229 2.65 0.88 10.91
C GLY A 229 3.06 2.34 11.04
N CYS A 230 4.03 2.74 10.24
CA CYS A 230 4.53 4.11 10.23
C CYS A 230 3.50 5.05 9.63
N VAL A 231 2.62 4.49 8.79
CA VAL A 231 1.53 5.23 8.16
C VAL A 231 0.42 5.48 9.17
N MET A 232 -0.01 4.41 9.83
CA MET A 232 -1.03 4.49 10.87
C MET A 232 -0.65 5.53 11.91
N ALA A 233 0.51 5.32 12.52
CA ALA A 233 1.04 6.25 13.53
C ALA A 233 0.96 7.70 13.05
N GLU A 234 1.44 7.93 11.83
CA GLU A 234 1.50 9.26 11.25
C GLU A 234 0.12 9.92 11.16
N LEU A 235 -0.91 9.10 10.96
CA LEU A 235 -2.27 9.61 10.87
C LEU A 235 -2.79 10.08 12.23
N MET A 236 -2.37 9.38 13.28
CA MET A 236 -2.73 9.72 14.66
C MET A 236 -1.88 10.88 15.20
N GLN A 237 -0.61 10.93 14.75
CA GLN A 237 0.35 11.95 15.20
C GLN A 237 0.21 13.26 14.45
N GLY A 238 -0.39 13.22 13.26
CA GLY A 238 -0.45 14.39 12.39
C GLY A 238 0.92 14.73 11.83
N GLN A 239 1.93 13.94 12.20
CA GLN A 239 3.30 14.12 11.73
C GLN A 239 4.08 12.80 11.78
N PRO A 240 5.02 12.58 10.83
CA PRO A 240 5.77 11.32 10.69
C PRO A 240 6.32 10.80 12.01
N LEU A 241 6.24 9.48 12.22
CA LEU A 241 6.69 8.87 13.47
C LEU A 241 8.20 8.95 13.61
N PHE A 242 8.92 8.52 12.57
CA PHE A 242 10.37 8.58 12.59
C PHE A 242 10.90 9.52 11.51
N PRO A 243 11.00 10.83 11.84
CA PRO A 243 11.38 11.82 10.82
C PRO A 243 12.89 11.94 10.60
N GLY A 244 13.55 10.80 10.40
CA GLY A 244 14.99 10.77 10.15
C GLY A 244 15.46 11.72 9.07
N GLU A 245 16.66 12.28 9.25
CA GLU A 245 17.18 13.29 8.35
C GLU A 245 18.14 12.71 7.31
N SER A 246 18.57 11.47 7.54
CA SER A 246 19.46 10.76 6.61
C SER A 246 19.35 9.25 6.81
N GLY A 247 20.16 8.50 6.08
CA GLY A 247 20.20 7.05 6.18
C GLY A 247 20.38 6.55 7.60
N ILE A 248 21.52 6.90 8.21
CA ILE A 248 21.87 6.42 9.55
C ILE A 248 20.96 7.00 10.63
N ASP A 249 20.62 8.28 10.49
CA ASP A 249 19.74 8.97 11.44
C ASP A 249 18.40 8.27 11.59
N GLN A 250 17.89 7.71 10.49
CA GLN A 250 16.61 7.00 10.47
C GLN A 250 16.58 5.85 11.47
N LEU A 251 17.70 5.13 11.57
CA LEU A 251 17.81 4.02 12.53
C LEU A 251 17.83 4.51 13.98
N VAL A 252 18.38 5.71 14.18
CA VAL A 252 18.46 6.33 15.51
C VAL A 252 17.07 6.73 16.00
N GLU A 253 16.34 7.46 15.15
CA GLU A 253 14.96 7.87 15.44
C GLU A 253 14.09 6.70 15.88
N ILE A 254 14.34 5.52 15.30
CA ILE A 254 13.61 4.30 15.64
C ILE A 254 14.00 3.77 17.02
N ILE A 255 15.29 3.74 17.30
CA ILE A 255 15.81 3.28 18.60
C ILE A 255 15.34 4.22 19.72
N LYS A 256 15.25 5.50 19.38
CA LYS A 256 14.76 6.53 20.31
C LYS A 256 13.35 6.26 20.86
N VAL A 257 12.63 5.34 20.22
CA VAL A 257 11.27 4.97 20.65
C VAL A 257 11.16 3.49 21.01
N LEU A 258 11.54 2.62 20.08
CA LEU A 258 11.46 1.17 20.30
C LEU A 258 12.46 0.65 21.33
N GLY A 259 13.59 1.35 21.46
CA GLY A 259 14.68 0.88 22.30
C GLY A 259 15.79 0.27 21.47
N THR A 260 16.80 -0.27 22.14
CA THR A 260 17.94 -0.88 21.47
C THR A 260 17.57 -2.31 21.05
N PRO A 261 18.00 -2.71 19.84
CA PRO A 261 17.77 -4.08 19.40
C PRO A 261 18.62 -5.09 20.16
N SER A 262 18.04 -6.24 20.46
CA SER A 262 18.73 -7.36 21.11
C SER A 262 19.73 -8.02 20.15
N ARG A 263 20.61 -8.87 20.70
CA ARG A 263 21.50 -9.71 19.89
C ARG A 263 20.69 -10.56 18.89
N GLU A 264 19.65 -11.22 19.41
CA GLU A 264 18.73 -12.01 18.60
C GLU A 264 17.96 -11.17 17.59
N GLN A 265 17.62 -9.94 17.96
CA GLN A 265 16.92 -9.01 17.07
C GLN A 265 17.80 -8.59 15.88
N ILE A 266 19.02 -8.11 16.16
CA ILE A 266 19.97 -7.72 15.10
C ILE A 266 20.39 -8.93 14.28
N LYS A 267 20.33 -10.12 14.88
CA LYS A 267 20.62 -11.37 14.17
C LYS A 267 19.65 -11.62 13.02
N THR A 268 18.36 -11.44 13.27
CA THR A 268 17.31 -11.71 12.27
C THR A 268 17.30 -10.71 11.13
N MET A 269 17.72 -9.48 11.41
CA MET A 269 17.79 -8.42 10.40
C MET A 269 18.96 -8.62 9.42
N ASN A 270 20.17 -8.70 9.97
CA ASN A 270 21.38 -8.92 9.18
C ASN A 270 22.50 -9.45 10.09
N PRO A 271 22.89 -10.74 9.91
CA PRO A 271 23.90 -11.38 10.77
C PRO A 271 25.29 -10.71 10.79
N ASN A 272 25.61 -9.92 9.77
CA ASN A 272 26.91 -9.25 9.66
C ASN A 272 27.03 -7.99 10.50
N TYR A 273 25.92 -7.27 10.68
CA TYR A 273 25.90 -6.04 11.47
C TYR A 273 25.62 -6.29 12.96
N MET A 274 25.66 -7.56 13.39
CA MET A 274 25.20 -7.93 14.73
C MET A 274 26.22 -7.73 15.85
N GLU A 275 27.35 -7.07 15.52
CA GLU A 275 28.40 -6.84 16.52
C GLU A 275 28.66 -5.37 16.84
N HIS A 276 28.33 -4.49 15.88
CA HIS A 276 28.58 -3.04 15.99
C HIS A 276 28.11 -2.43 17.31
N LYS A 277 28.86 -1.44 17.81
CA LYS A 277 28.57 -0.80 19.08
C LYS A 277 27.42 0.19 18.96
N PHE A 278 26.39 0.00 19.80
CA PHE A 278 25.20 0.86 19.80
C PHE A 278 24.87 1.43 21.20
N PRO A 279 24.57 2.75 21.26
CA PRO A 279 24.09 3.40 22.48
C PRO A 279 22.87 2.69 23.10
N GLN A 280 22.82 2.62 24.43
CA GLN A 280 21.74 1.94 25.14
C GLN A 280 20.62 2.89 25.57
N ILE A 281 19.44 2.70 25.01
CA ILE A 281 18.25 3.49 25.34
C ILE A 281 17.07 2.55 25.62
N ARG A 282 16.36 2.80 26.71
CA ARG A 282 15.23 1.96 27.12
C ARG A 282 13.96 2.21 26.30
N PRO A 283 13.24 1.12 25.94
CA PRO A 283 11.98 1.19 25.20
C PRO A 283 10.93 2.09 25.85
N HIS A 284 10.94 3.36 25.46
CA HIS A 284 9.96 4.36 25.87
C HIS A 284 8.57 3.97 25.33
N PRO A 285 7.69 3.44 26.22
CA PRO A 285 6.45 2.75 25.81
C PRO A 285 5.49 3.62 25.01
N PHE A 286 4.77 3.01 24.08
CA PHE A 286 3.85 3.71 23.16
C PHE A 286 2.73 4.45 23.88
N SER A 287 2.22 3.84 24.95
CA SER A 287 1.15 4.43 25.74
C SER A 287 1.45 5.87 26.12
N LYS A 288 2.73 6.20 26.09
CA LYS A 288 3.23 7.52 26.47
C LYS A 288 3.62 8.34 25.24
N VAL A 289 3.90 7.67 24.13
CA VAL A 289 4.35 8.33 22.89
C VAL A 289 3.20 9.02 22.14
N PHE A 290 1.99 8.54 22.35
CA PHE A 290 0.81 9.11 21.70
C PHE A 290 0.07 10.05 22.63
N ARG A 291 -0.81 10.89 22.06
CA ARG A 291 -1.70 11.77 22.80
C ARG A 291 -2.50 10.97 23.84
N PRO A 292 -2.94 11.62 24.94
CA PRO A 292 -3.59 10.85 26.02
C PRO A 292 -4.92 10.22 25.61
N ARG A 293 -5.62 10.89 24.70
CA ARG A 293 -6.97 10.54 24.28
C ARG A 293 -7.01 9.30 23.36
N THR A 294 -5.84 8.79 23.01
CA THR A 294 -5.69 7.72 22.04
C THR A 294 -6.20 6.37 22.56
N PRO A 295 -7.08 5.71 21.77
CA PRO A 295 -7.61 4.38 22.08
C PRO A 295 -6.50 3.35 22.33
N PRO A 296 -6.69 2.47 23.34
CA PRO A 296 -5.64 1.55 23.75
C PRO A 296 -5.47 0.37 22.78
N ASP A 297 -6.47 0.15 21.92
CA ASP A 297 -6.38 -0.89 20.89
C ASP A 297 -5.51 -0.47 19.72
N ALA A 298 -5.60 0.81 19.35
CA ALA A 298 -4.78 1.39 18.29
C ALA A 298 -3.30 1.35 18.69
N ILE A 299 -3.03 1.65 19.95
CA ILE A 299 -1.69 1.55 20.52
C ILE A 299 -1.14 0.12 20.39
N ASP A 300 -1.95 -0.85 20.81
CA ASP A 300 -1.56 -2.26 20.74
C ASP A 300 -1.23 -2.71 19.32
N LEU A 301 -2.08 -2.36 18.36
CA LEU A 301 -1.87 -2.77 16.97
C LEU A 301 -0.54 -2.27 16.43
N ILE A 302 -0.32 -0.96 16.52
CA ILE A 302 0.93 -0.34 16.06
C ILE A 302 2.15 -1.04 16.68
N SER A 303 2.02 -1.34 17.97
CA SER A 303 3.04 -2.07 18.73
C SER A 303 3.37 -3.45 18.15
N ARG A 304 2.38 -4.12 17.57
CA ARG A 304 2.59 -5.47 17.03
C ARG A 304 2.96 -5.46 15.54
N LEU A 305 2.95 -4.26 14.95
CA LEU A 305 3.37 -4.06 13.57
C LEU A 305 4.81 -3.54 13.50
N LEU A 306 5.21 -2.79 14.54
CA LEU A 306 6.56 -2.24 14.59
C LEU A 306 7.49 -3.08 15.45
N GLU A 307 7.90 -4.22 14.89
CA GLU A 307 8.88 -5.09 15.51
C GLU A 307 10.17 -5.09 14.69
N TYR A 308 11.31 -5.20 15.37
CA TYR A 308 12.60 -5.29 14.69
C TYR A 308 12.75 -6.57 13.88
N THR A 309 12.16 -7.65 14.40
CA THR A 309 12.20 -8.93 13.70
C THR A 309 11.03 -9.03 12.73
N PRO A 310 11.33 -9.09 11.42
CA PRO A 310 10.31 -9.12 10.36
C PRO A 310 9.25 -10.22 10.58
N SER A 311 9.67 -11.38 11.07
CA SER A 311 8.76 -12.51 11.28
C SER A 311 7.82 -12.26 12.45
N ALA A 312 8.27 -11.41 13.39
CA ALA A 312 7.54 -11.12 14.62
C ALA A 312 6.36 -10.17 14.39
N ARG A 313 6.42 -9.43 13.29
CA ARG A 313 5.32 -8.53 12.91
C ARG A 313 4.09 -9.34 12.52
N LEU A 314 2.92 -8.84 12.92
CA LEU A 314 1.65 -9.39 12.45
C LEU A 314 1.60 -9.39 10.93
N THR A 315 1.20 -10.51 10.35
CA THR A 315 1.12 -10.60 8.90
C THR A 315 -0.07 -9.82 8.37
N ALA A 316 -0.10 -9.68 7.04
CA ALA A 316 -1.08 -8.87 6.34
C ALA A 316 -2.53 -9.16 6.75
N ILE A 317 -2.89 -10.44 6.83
CA ILE A 317 -4.24 -10.89 7.19
C ILE A 317 -4.46 -10.82 8.69
N GLU A 318 -3.51 -11.36 9.46
CA GLU A 318 -3.59 -11.40 10.93
C GLU A 318 -3.98 -10.05 11.52
N ALA A 319 -3.37 -8.99 11.03
CA ALA A 319 -3.67 -7.63 11.49
C ALA A 319 -5.16 -7.29 11.34
N LEU A 320 -5.77 -7.72 10.24
CA LEU A 320 -7.19 -7.46 10.00
C LEU A 320 -8.07 -7.99 11.12
N CYS A 321 -7.63 -9.09 11.73
CA CYS A 321 -8.38 -9.74 12.81
C CYS A 321 -8.15 -9.08 14.19
N HIS A 322 -7.40 -7.98 14.22
CA HIS A 322 -7.15 -7.27 15.47
C HIS A 322 -8.44 -6.62 15.98
N PRO A 323 -8.65 -6.63 17.31
CA PRO A 323 -9.78 -5.95 17.97
C PRO A 323 -10.02 -4.52 17.46
N PHE A 324 -8.95 -3.90 16.97
CA PHE A 324 -9.01 -2.55 16.43
C PHE A 324 -10.05 -2.44 15.32
N PHE A 325 -10.20 -3.50 14.55
CA PHE A 325 -11.09 -3.48 13.38
C PHE A 325 -12.47 -4.10 13.64
N ASP A 326 -12.89 -4.09 14.90
CA ASP A 326 -14.20 -4.60 15.31
C ASP A 326 -15.34 -3.60 15.06
N GLU A 327 -15.04 -2.33 15.24
CA GLU A 327 -16.04 -1.27 15.06
C GLU A 327 -16.57 -1.22 13.61
N LEU A 328 -15.87 -1.90 12.71
CA LEU A 328 -16.26 -1.95 11.31
C LEU A 328 -17.10 -3.19 11.03
N ARG A 329 -16.93 -4.20 11.88
CA ARG A 329 -17.55 -5.51 11.67
C ARG A 329 -19.00 -5.61 12.16
N THR A 330 -19.41 -4.67 13.03
CA THR A 330 -20.78 -4.64 13.55
C THR A 330 -21.77 -4.28 12.45
N GLY A 331 -21.36 -3.40 11.54
CA GLY A 331 -22.24 -2.86 10.50
C GLY A 331 -23.22 -1.85 11.07
N GLU A 332 -22.81 -1.21 12.17
CA GLU A 332 -23.62 -0.19 12.84
C GLU A 332 -22.99 1.18 12.72
N ALA A 333 -21.71 1.21 12.33
CA ALA A 333 -20.95 2.45 12.24
C ALA A 333 -21.16 3.14 10.90
N ARG A 334 -21.16 4.47 10.93
CA ARG A 334 -21.31 5.27 9.72
C ARG A 334 -20.25 6.37 9.66
N MET A 335 -20.01 6.89 8.46
CA MET A 335 -19.07 7.98 8.24
C MET A 335 -19.50 9.25 8.99
N PRO A 336 -18.54 10.17 9.28
CA PRO A 336 -18.91 11.50 9.76
C PRO A 336 -19.58 12.32 8.64
N ASN A 337 -19.39 11.84 7.41
CA ASN A 337 -20.13 12.26 6.22
C ASN A 337 -21.64 12.02 6.41
N GLY A 338 -21.96 11.01 7.22
CA GLY A 338 -23.33 10.58 7.43
C GLY A 338 -23.60 9.30 6.67
N ARG A 339 -22.90 9.13 5.54
CA ARG A 339 -23.10 8.02 4.61
C ARG A 339 -22.73 6.64 5.19
N GLU A 340 -23.21 5.59 4.52
CA GLU A 340 -22.89 4.20 4.83
C GLU A 340 -21.46 3.91 4.36
N LEU A 341 -20.77 2.97 5.02
CA LEU A 341 -19.36 2.68 4.69
C LEU A 341 -19.19 1.69 3.51
N PRO A 342 -18.11 1.89 2.70
CA PRO A 342 -17.80 1.14 1.48
C PRO A 342 -17.61 -0.37 1.67
N PRO A 343 -17.59 -1.15 0.56
CA PRO A 343 -17.39 -2.60 0.64
C PRO A 343 -16.13 -2.95 1.44
N LEU A 344 -16.29 -3.79 2.45
CA LEU A 344 -15.16 -4.22 3.27
C LEU A 344 -15.17 -5.74 3.43
N PHE A 345 -16.30 -6.35 3.10
CA PHE A 345 -16.52 -7.77 3.38
C PHE A 345 -16.80 -8.63 2.15
N ASN A 346 -16.84 -8.02 0.97
CA ASN A 346 -17.07 -8.76 -0.28
C ASN A 346 -15.93 -9.70 -0.64
N TRP A 347 -15.65 -10.66 0.25
CA TRP A 347 -14.52 -11.57 0.10
C TRP A 347 -14.67 -12.51 -1.10
N THR A 348 -13.55 -12.94 -1.64
CA THR A 348 -13.52 -13.97 -2.67
C THR A 348 -13.11 -15.28 -2.00
N LYS A 349 -13.23 -16.38 -2.75
CA LYS A 349 -12.73 -17.67 -2.30
C LYS A 349 -11.22 -17.61 -2.18
N GLU A 350 -10.57 -17.01 -3.18
CA GLU A 350 -9.11 -16.86 -3.20
C GLU A 350 -8.64 -16.11 -1.96
N GLU A 351 -9.27 -14.97 -1.68
CA GLU A 351 -8.90 -14.10 -0.56
C GLU A 351 -8.83 -14.86 0.76
N LEU A 352 -9.88 -15.63 1.06
CA LEU A 352 -10.00 -16.27 2.36
C LEU A 352 -9.13 -17.51 2.49
N SER A 353 -8.89 -18.17 1.36
CA SER A 353 -8.13 -19.43 1.31
C SER A 353 -6.68 -19.31 1.77
N VAL A 354 -6.14 -18.10 1.76
CA VAL A 354 -4.77 -17.86 2.21
C VAL A 354 -4.65 -18.20 3.70
N ARG A 355 -5.73 -17.97 4.44
CA ARG A 355 -5.80 -18.31 5.86
C ARG A 355 -7.22 -18.75 6.26
N PRO A 356 -7.57 -20.04 6.02
CA PRO A 356 -8.89 -20.56 6.39
C PRO A 356 -9.03 -20.60 7.90
N ASP A 357 -7.91 -20.90 8.56
CA ASP A 357 -7.70 -20.73 9.98
C ASP A 357 -8.58 -19.62 10.59
N LEU A 358 -8.45 -18.41 10.06
CA LEU A 358 -9.04 -17.22 10.69
C LEU A 358 -10.32 -16.71 10.00
N ILE A 359 -11.11 -17.64 9.47
CA ILE A 359 -12.31 -17.29 8.71
C ILE A 359 -13.42 -16.67 9.57
N SER A 360 -13.38 -16.97 10.87
CA SER A 360 -14.40 -16.54 11.83
C SER A 360 -14.43 -15.02 12.02
N ARG A 361 -13.24 -14.42 12.15
CA ARG A 361 -13.10 -12.98 12.36
C ARG A 361 -13.40 -12.18 11.10
N LEU A 362 -12.74 -12.56 10.00
CA LEU A 362 -12.81 -11.82 8.74
C LEU A 362 -14.23 -11.63 8.25
N VAL A 363 -15.06 -12.67 8.38
CA VAL A 363 -16.47 -12.59 8.00
C VAL A 363 -17.38 -12.51 9.24
N PRO A 364 -17.98 -11.33 9.48
CA PRO A 364 -19.02 -11.24 10.49
C PRO A 364 -20.30 -11.89 9.97
N GLN A 365 -21.13 -12.40 10.87
CA GLN A 365 -22.36 -13.12 10.49
C GLN A 365 -23.33 -12.30 9.62
N HIS A 366 -23.27 -10.96 9.75
CA HIS A 366 -24.24 -10.07 9.09
C HIS A 366 -24.09 -9.99 7.55
N ALA A 367 -23.04 -10.60 7.02
CA ALA A 367 -22.81 -10.59 5.58
C ALA A 367 -22.71 -12.01 4.99
N GLU A 368 -22.81 -13.01 5.86
CA GLU A 368 -22.68 -14.43 5.49
C GLU A 368 -23.52 -14.86 4.29
N ALA A 369 -24.69 -14.24 4.12
CA ALA A 369 -25.60 -14.54 3.02
C ALA A 369 -25.02 -14.10 1.67
N GLU A 370 -24.15 -14.96 1.12
CA GLU A 370 -23.58 -14.78 -0.22
C GLU A 370 -23.24 -16.13 -0.87
N LEU A 371 -21.99 -16.58 -0.68
CA LEU A 371 -21.54 -17.86 -1.23
C LEU A 371 -20.63 -18.58 -0.23
N LEU A 372 -19.86 -19.57 -0.72
CA LEU A 372 -18.82 -20.32 0.03
C LEU A 372 -19.20 -20.98 1.37
N SER A 373 -19.96 -20.27 2.21
CA SER A 373 -20.61 -20.84 3.41
C SER A 373 -19.68 -21.17 4.60
N ARG A 374 -19.68 -22.44 5.02
CA ARG A 374 -18.90 -22.92 6.16
C ARG A 374 -18.03 -24.10 5.81
N GLY A 375 -18.28 -24.67 4.63
CA GLY A 375 -17.43 -25.72 4.07
C GLY A 375 -16.05 -25.16 3.75
N ILE A 376 -15.03 -25.99 3.98
CA ILE A 376 -13.62 -25.60 3.80
C ILE A 376 -13.42 -24.76 2.53
N ASP A 377 -13.87 -25.29 1.40
CA ASP A 377 -13.96 -24.54 0.13
C ASP A 377 -12.60 -23.96 -0.29
N VAL A 378 -11.51 -24.58 0.14
CA VAL A 378 -10.16 -24.03 -0.06
C VAL A 378 -9.70 -24.10 -1.52
N HIS A 379 -9.14 -22.99 -2.02
CA HIS A 379 -8.67 -22.91 -3.41
C HIS A 379 -7.15 -22.89 -3.47
#